data_9P1C
#
_entry.id   9P1C
#
_cell.length_a   81.785
_cell.length_b   81.785
_cell.length_c   44.881
_cell.angle_alpha   90.00
_cell.angle_beta   90.00
_cell.angle_gamma   90.00
#
_symmetry.space_group_name_H-M   'P 41'
#
loop_
_entity.id
_entity.type
_entity.pdbx_description
1 polymer 'Transmembrane protease serine 11A'
2 polymer 'Transmembrane protease serine 11A'
3 non-polymer 'PHOSPHATE ION'
4 non-polymer 2-acetamido-2-deoxy-beta-D-glucopyranose
5 water water
#
loop_
_entity_poly.entity_id
_entity_poly.type
_entity_poly.pdbx_seq_one_letter_code
_entity_poly.pdbx_strand_id
1 'polypeptide(L)'
;AAPEMHHHHHHEFMSGLNDIFEAQKIEWHEGSAGGSGENLYFQGDQKKEYYHGSFKILDPQINNNFGQSNTYQLKDLRET
TENLVDEIFIDSAWKKNYIKNQVVRLTPEEDGVKVDVIMVFQFPSTEQRAVREKKIQSILNQKIRNLRALPINASSVQVN
AMSSSTGELTVQASCGKRVVPLNVNR
;
A
2 'polypeptide(L)'
;IASGVIAPKAAWPWQASLQYDNIHQCGATLISNTWLVTAAHCFQKYKNPHQWTVSFGTKINPPLMKRNVRRFIIHEKYRS
AAREYDIAVVQVSSRVTFSDDIRQICLPEASASFQPNLTVHITGFGALYYGGESQNDLREARVKIISDDVCKQPQVYGND
IKPGMFCAGYMEGIYDACRGDAGGPLVTRDLKDTWYLIGIVSWGDNCGQKDKPGVYTQVTYYRNWIASKTGI
;
B
#
# COMPACT_ATOMS: atom_id res chain seq x y z
N SER A 174 -14.58 -14.98 3.65
CA SER A 174 -13.31 -14.66 4.38
C SER A 174 -12.57 -13.53 3.66
N CYS A 175 -11.90 -12.71 4.46
CA CYS A 175 -10.99 -11.70 3.98
C CYS A 175 -9.84 -11.59 4.99
N GLY A 176 -8.64 -11.22 4.54
CA GLY A 176 -7.57 -10.92 5.47
C GLY A 176 -6.88 -12.17 6.03
N LYS A 177 -7.08 -13.33 5.39
CA LYS A 177 -6.43 -14.58 5.78
C LYS A 177 -5.23 -14.90 4.88
N ARG A 178 -4.07 -15.17 5.49
CA ARG A 178 -2.91 -15.67 4.76
C ARG A 178 -2.64 -17.10 5.21
N VAL A 179 -2.17 -17.93 4.29
CA VAL A 179 -2.15 -19.36 4.54
C VAL A 179 -0.74 -19.80 4.97
N VAL A 180 0.20 -18.84 4.89
CA VAL A 180 1.57 -19.09 5.25
C VAL A 180 1.83 -18.38 6.57
N PRO A 181 2.56 -19.02 7.52
CA PRO A 181 2.71 -18.44 8.86
C PRO A 181 3.57 -17.18 8.79
N LEU A 182 3.51 -16.37 9.87
CA LEU A 182 4.46 -15.31 10.12
C LEU A 182 5.72 -15.89 10.78
N ASN A 183 5.58 -17.06 11.39
CA ASN A 183 6.63 -17.66 12.19
C ASN A 183 7.43 -18.60 11.28
N VAL A 184 8.59 -18.14 10.79
CA VAL A 184 9.27 -18.82 9.69
C VAL A 184 10.44 -19.67 10.17
N ASN A 185 10.63 -20.81 9.49
CA ASN A 185 11.76 -21.69 9.69
C ASN A 185 13.06 -20.92 9.46
N ARG A 186 14.12 -21.29 10.18
CA ARG A 186 15.41 -20.63 10.03
C ARG A 186 16.37 -21.50 9.18
N ILE B 1 10.67 -1.07 -1.05
CA ILE B 1 10.84 -1.12 0.43
C ILE B 1 12.32 -0.98 0.78
N ALA B 2 12.68 0.04 1.58
CA ALA B 2 14.06 0.32 1.96
C ALA B 2 14.59 -0.76 2.91
N SER B 3 15.73 -1.35 2.54
CA SER B 3 16.32 -2.44 3.30
C SER B 3 15.30 -3.58 3.42
N GLY B 4 14.53 -3.77 2.36
CA GLY B 4 13.40 -4.68 2.37
C GLY B 4 13.88 -6.10 2.15
N VAL B 5 13.20 -7.04 2.81
CA VAL B 5 13.50 -8.46 2.68
C VAL B 5 12.55 -9.10 1.69
N ILE B 6 13.01 -10.12 0.99
CA ILE B 6 12.18 -10.86 0.06
C ILE B 6 11.01 -11.50 0.82
N ALA B 7 9.80 -11.23 0.31
CA ALA B 7 8.55 -11.79 0.80
C ALA B 7 8.36 -13.20 0.28
N PRO B 8 7.96 -14.16 1.15
CA PRO B 8 7.58 -15.50 0.73
C PRO B 8 6.33 -15.59 -0.13
N LYS B 9 6.30 -16.66 -0.95
CA LYS B 9 5.10 -17.03 -1.70
C LYS B 9 3.96 -17.08 -0.69
N ALA B 10 2.88 -16.35 -1.01
CA ALA B 10 1.57 -16.43 -0.37
C ALA B 10 1.53 -15.69 0.96
N ALA B 11 2.60 -14.94 1.29
CA ALA B 11 2.65 -14.17 2.52
C ALA B 11 1.71 -12.97 2.46
N TRP B 12 1.71 -12.24 1.34
CA TRP B 12 0.84 -11.09 1.18
C TRP B 12 0.02 -11.24 -0.09
N PRO B 13 -1.05 -12.04 -0.04
CA PRO B 13 -1.79 -12.42 -1.24
C PRO B 13 -2.71 -11.34 -1.79
N TRP B 14 -2.87 -10.24 -1.04
CA TRP B 14 -3.67 -9.10 -1.46
C TRP B 14 -2.80 -8.10 -2.21
N GLN B 15 -1.48 -8.31 -2.16
CA GLN B 15 -0.53 -7.41 -2.80
C GLN B 15 -0.71 -7.50 -4.32
N ALA B 16 -0.74 -6.34 -4.97
CA ALA B 16 -0.81 -6.30 -6.42
C ALA B 16 0.20 -5.29 -6.97
N SER B 17 0.61 -5.52 -8.22
CA SER B 17 1.34 -4.54 -9.00
C SER B 17 0.44 -3.83 -10.03
N LEU B 18 0.67 -2.51 -10.16
CA LEU B 18 0.01 -1.72 -11.19
C LEU B 18 1.03 -1.34 -12.25
N GLN B 19 0.80 -1.79 -13.50
CA GLN B 19 1.69 -1.44 -14.60
C GLN B 19 0.98 -0.53 -15.59
N TYR B 20 1.70 0.48 -16.06
CA TYR B 20 1.32 1.24 -17.25
C TYR B 20 2.27 0.85 -18.37
N ASP B 21 1.71 0.54 -19.55
CA ASP B 21 2.45 -0.11 -20.64
C ASP B 21 3.49 -1.07 -20.09
N ASN B 22 3.03 -2.03 -19.30
CA ASN B 22 3.79 -3.18 -18.82
C ASN B 22 5.02 -2.77 -18.01
N ILE B 23 5.05 -1.54 -17.50
CA ILE B 23 6.08 -1.09 -16.58
C ILE B 23 5.46 -0.84 -15.20
N HIS B 24 6.13 -1.29 -14.14
CA HIS B 24 5.58 -1.12 -12.81
C HIS B 24 5.72 0.34 -12.37
N GLN B 25 4.59 0.87 -11.90
CA GLN B 25 4.49 2.23 -11.40
C GLN B 25 4.19 2.23 -9.90
N CYS B 26 3.48 1.20 -9.43
CA CYS B 26 2.77 1.39 -8.17
C CYS B 26 2.23 0.08 -7.64
N GLY B 27 2.07 0.05 -6.32
CA GLY B 27 1.37 -1.03 -5.66
C GLY B 27 -0.12 -0.76 -5.61
N ALA B 28 -0.89 -1.83 -5.41
CA ALA B 28 -2.26 -1.74 -4.98
C ALA B 28 -2.54 -2.86 -3.97
N THR B 29 -3.78 -2.93 -3.44
CA THR B 29 -4.18 -4.12 -2.71
C THR B 29 -5.65 -4.49 -2.96
N LEU B 30 -5.91 -5.80 -3.06
CA LEU B 30 -7.22 -6.38 -3.31
C LEU B 30 -8.19 -6.19 -2.15
N ILE B 31 -9.44 -5.87 -2.48
CA ILE B 31 -10.48 -5.77 -1.47
C ILE B 31 -11.71 -6.55 -1.89
N SER B 32 -11.89 -6.79 -3.20
CA SER B 32 -12.88 -7.72 -3.69
C SER B 32 -12.30 -8.54 -4.84
N ASN B 33 -13.18 -9.21 -5.57
CA ASN B 33 -12.71 -10.02 -6.68
C ASN B 33 -12.45 -9.10 -7.88
N THR B 34 -12.85 -7.82 -7.80
CA THR B 34 -12.78 -6.88 -8.91
C THR B 34 -12.04 -5.60 -8.53
N TRP B 35 -12.03 -5.25 -7.24
CA TRP B 35 -11.62 -3.93 -6.83
C TRP B 35 -10.31 -3.96 -6.06
N LEU B 36 -9.49 -2.92 -6.28
CA LEU B 36 -8.27 -2.72 -5.53
C LEU B 36 -8.25 -1.28 -5.01
N VAL B 37 -7.34 -1.03 -4.05
CA VAL B 37 -7.12 0.29 -3.49
C VAL B 37 -5.64 0.65 -3.64
N THR B 38 -5.38 1.93 -3.95
CA THR B 38 -4.07 2.46 -4.27
C THR B 38 -4.07 3.96 -4.03
N ALA B 39 -3.04 4.64 -4.51
CA ALA B 39 -2.95 6.08 -4.37
C ALA B 39 -3.44 6.82 -5.63
N ALA B 40 -3.79 8.10 -5.46
CA ALA B 40 -4.25 8.94 -6.55
C ALA B 40 -3.06 9.45 -7.37
N HIS B 41 -1.89 9.60 -6.74
CA HIS B 41 -0.76 10.18 -7.47
C HIS B 41 -0.21 9.18 -8.49
N CYS B 42 -0.49 7.88 -8.33
CA CYS B 42 -0.19 6.90 -9.35
C CYS B 42 -0.71 7.31 -10.72
N PHE B 43 -1.84 8.05 -10.80
CA PHE B 43 -2.40 8.42 -12.10
C PHE B 43 -2.22 9.91 -12.36
N GLN B 44 -1.16 10.49 -11.76
CA GLN B 44 -0.75 11.86 -12.01
C GLN B 44 -0.53 12.13 -13.50
N LYS B 45 0.34 11.33 -14.16
CA LYS B 45 0.69 11.49 -15.57
C LYS B 45 -0.02 10.48 -16.48
N TYR B 46 -0.19 9.23 -16.05
CA TYR B 46 -0.70 8.16 -16.89
C TYR B 46 -2.18 7.87 -16.70
N LYS B 47 -3.02 8.42 -17.60
CA LYS B 47 -4.43 8.65 -17.30
C LYS B 47 -5.34 7.74 -18.13
N ASN B 48 -4.77 6.82 -18.91
CA ASN B 48 -5.56 5.98 -19.78
C ASN B 48 -5.84 4.66 -19.06
N PRO B 49 -7.07 4.43 -18.61
CA PRO B 49 -7.39 3.16 -17.95
C PRO B 49 -6.88 1.96 -18.74
N HIS B 50 -6.87 2.10 -20.07
CA HIS B 50 -6.72 0.93 -20.91
C HIS B 50 -5.24 0.55 -21.06
N GLN B 51 -4.34 1.48 -20.72
CA GLN B 51 -2.92 1.16 -20.68
C GLN B 51 -2.42 0.74 -19.29
N TRP B 52 -3.31 0.65 -18.29
CA TRP B 52 -2.95 0.09 -17.00
C TRP B 52 -3.29 -1.39 -16.92
N THR B 53 -2.40 -2.17 -16.30
CA THR B 53 -2.66 -3.58 -16.01
C THR B 53 -2.37 -3.85 -14.53
N VAL B 54 -2.80 -5.03 -14.07
CA VAL B 54 -2.65 -5.45 -12.69
C VAL B 54 -2.17 -6.90 -12.68
N SER B 55 -1.22 -7.22 -11.79
CA SER B 55 -0.81 -8.61 -11.58
C SER B 55 -0.53 -8.85 -10.10
N PHE B 56 -0.57 -10.12 -9.70
CA PHE B 56 -0.49 -10.48 -8.28
C PHE B 56 0.77 -11.29 -8.01
N GLY B 57 0.81 -11.91 -6.82
CA GLY B 57 1.89 -12.81 -6.43
C GLY B 57 3.13 -12.05 -5.97
N THR B 58 4.27 -12.76 -5.94
CA THR B 58 5.50 -12.24 -5.39
C THR B 58 6.39 -11.70 -6.50
N LYS B 59 5.93 -11.75 -7.76
CA LYS B 59 6.80 -11.59 -8.91
C LYS B 59 6.08 -10.86 -10.05
N ILE B 60 6.69 -9.78 -10.50
CA ILE B 60 6.19 -9.03 -11.64
C ILE B 60 6.51 -9.78 -12.95
N ASN B 61 7.81 -9.94 -13.25
CA ASN B 61 8.29 -10.23 -14.59
C ASN B 61 7.70 -11.53 -15.13
N PRO B 62 7.63 -12.65 -14.36
CA PRO B 62 6.70 -13.75 -14.66
C PRO B 62 5.34 -13.49 -13.98
N PRO B 63 4.38 -12.84 -14.68
CA PRO B 63 3.21 -12.24 -14.05
C PRO B 63 2.09 -13.22 -13.72
N LEU B 64 1.46 -13.03 -12.56
CA LEU B 64 0.38 -13.90 -12.11
C LEU B 64 -0.96 -13.23 -12.43
N MET B 65 -1.92 -14.04 -12.88
CA MET B 65 -3.27 -13.59 -13.17
C MET B 65 -3.28 -12.10 -13.56
N LYS B 66 -2.46 -11.70 -14.55
CA LYS B 66 -2.49 -10.34 -15.05
C LYS B 66 -3.92 -10.03 -15.47
N ARG B 67 -4.34 -8.76 -15.31
CA ARG B 67 -5.71 -8.36 -15.53
C ARG B 67 -5.72 -6.95 -16.09
N ASN B 68 -6.81 -6.62 -16.77
CA ASN B 68 -6.91 -5.33 -17.43
C ASN B 68 -7.79 -4.44 -16.57
N VAL B 69 -7.43 -3.16 -16.51
CA VAL B 69 -8.18 -2.20 -15.72
C VAL B 69 -9.43 -1.75 -16.47
N ARG B 70 -10.61 -2.07 -15.94
CA ARG B 70 -11.85 -1.52 -16.47
C ARG B 70 -11.84 -0.01 -16.31
N ARG B 71 -11.46 0.46 -15.11
CA ARG B 71 -11.51 1.87 -14.77
C ARG B 71 -10.79 2.10 -13.45
N PHE B 72 -10.50 3.38 -13.18
CA PHE B 72 -9.97 3.84 -11.90
C PHE B 72 -10.73 5.08 -11.44
N ILE B 73 -10.82 5.26 -10.12
CA ILE B 73 -11.46 6.44 -9.58
C ILE B 73 -10.57 7.07 -8.52
N ILE B 74 -10.26 8.34 -8.74
CA ILE B 74 -9.41 9.17 -7.91
C ILE B 74 -10.31 10.01 -7.02
N HIS B 75 -9.78 10.37 -5.84
CA HIS B 75 -10.51 11.19 -4.90
C HIS B 75 -10.78 12.57 -5.51
N GLU B 76 -12.04 12.96 -5.49
CA GLU B 76 -12.50 14.25 -6.00
C GLU B 76 -11.55 15.39 -5.65
N LYS B 77 -11.00 15.39 -4.43
CA LYS B 77 -10.30 16.54 -3.88
C LYS B 77 -8.80 16.42 -4.12
N TYR B 78 -8.35 15.29 -4.65
CA TYR B 78 -6.94 15.16 -4.96
C TYR B 78 -6.57 16.15 -6.07
N ARG B 79 -5.38 16.73 -5.94
CA ARG B 79 -4.80 17.64 -6.89
C ARG B 79 -3.30 17.35 -6.97
N SER B 80 -2.81 17.09 -8.18
CA SER B 80 -1.43 16.65 -8.39
C SER B 80 -0.42 17.56 -7.71
N ALA B 81 -0.77 18.83 -7.50
CA ALA B 81 0.18 19.78 -6.93
C ALA B 81 0.33 19.62 -5.41
N ALA B 82 -0.57 18.86 -4.75
CA ALA B 82 -0.55 18.67 -3.30
C ALA B 82 -0.62 17.18 -2.98
N ARG B 83 -0.48 16.86 -1.67
CA ARG B 83 -0.24 15.52 -1.19
C ARG B 83 -1.48 14.98 -0.48
N GLU B 84 -2.50 15.83 -0.27
CA GLU B 84 -3.71 15.41 0.45
C GLU B 84 -4.61 14.60 -0.49
N TYR B 85 -5.50 13.83 0.13
CA TYR B 85 -6.52 13.07 -0.58
C TYR B 85 -5.89 11.99 -1.47
N ASP B 86 -4.69 11.53 -1.13
CA ASP B 86 -4.00 10.58 -1.97
C ASP B 86 -4.61 9.18 -1.81
N ILE B 87 -5.75 8.93 -2.47
CA ILE B 87 -6.33 7.61 -2.56
C ILE B 87 -7.09 7.41 -3.88
N ALA B 88 -7.13 6.15 -4.34
CA ALA B 88 -7.90 5.81 -5.51
C ALA B 88 -8.34 4.35 -5.43
N VAL B 89 -9.31 3.99 -6.27
CA VAL B 89 -9.73 2.61 -6.41
C VAL B 89 -9.63 2.23 -7.89
N VAL B 90 -9.53 0.92 -8.10
CA VAL B 90 -9.25 0.35 -9.39
C VAL B 90 -10.11 -0.89 -9.50
N GLN B 91 -10.87 -0.96 -10.59
CA GLN B 91 -11.67 -2.14 -10.89
C GLN B 91 -11.11 -2.77 -12.16
N VAL B 92 -11.05 -4.10 -12.10
CA VAL B 92 -10.46 -4.97 -13.11
C VAL B 92 -11.58 -5.48 -14.00
N SER B 93 -11.32 -5.68 -15.29
CA SER B 93 -12.36 -6.02 -16.25
C SER B 93 -12.77 -7.49 -16.13
N SER B 94 -11.92 -8.34 -15.54
CA SER B 94 -12.33 -9.71 -15.22
C SER B 94 -12.12 -10.02 -13.74
N ARG B 95 -13.16 -10.54 -13.09
CA ARG B 95 -13.07 -10.94 -11.70
C ARG B 95 -11.89 -11.89 -11.63
N VAL B 96 -11.27 -11.95 -10.47
CA VAL B 96 -10.15 -12.85 -10.30
C VAL B 96 -10.57 -13.93 -9.31
N THR B 97 -9.86 -15.06 -9.31
CA THR B 97 -10.23 -16.21 -8.51
C THR B 97 -9.18 -16.42 -7.41
N PHE B 98 -9.71 -16.53 -6.17
CA PHE B 98 -8.90 -16.52 -4.97
C PHE B 98 -8.22 -17.87 -4.84
N SER B 99 -6.88 -17.83 -4.72
CA SER B 99 -6.03 -18.97 -4.46
C SER B 99 -5.36 -18.75 -3.11
N ASP B 100 -4.35 -19.55 -2.80
CA ASP B 100 -3.51 -19.34 -1.62
C ASP B 100 -2.61 -18.14 -1.82
N ASP B 101 -2.37 -17.79 -3.10
CA ASP B 101 -1.47 -16.71 -3.49
C ASP B 101 -2.21 -15.39 -3.68
N ILE B 102 -3.53 -15.47 -3.93
CA ILE B 102 -4.35 -14.32 -4.26
C ILE B 102 -5.61 -14.33 -3.41
N ARG B 103 -5.75 -13.37 -2.50
CA ARG B 103 -6.88 -13.28 -1.58
C ARG B 103 -7.13 -11.81 -1.27
N GLN B 104 -8.34 -11.48 -0.82
CA GLN B 104 -8.67 -10.10 -0.46
C GLN B 104 -8.27 -9.84 0.99
N ILE B 105 -7.83 -8.61 1.26
CA ILE B 105 -7.57 -8.19 2.63
C ILE B 105 -8.87 -7.64 3.23
N CYS B 106 -8.91 -7.48 4.56
CA CYS B 106 -10.00 -6.79 5.21
C CYS B 106 -9.69 -5.30 5.29
N LEU B 107 -10.78 -4.53 5.25
CA LEU B 107 -10.77 -3.11 5.51
C LEU B 107 -11.29 -2.91 6.92
N PRO B 108 -10.72 -1.94 7.69
CA PRO B 108 -11.23 -1.61 9.02
C PRO B 108 -12.56 -0.84 8.97
N GLU B 109 -13.35 -0.95 10.05
CA GLU B 109 -14.49 -0.06 10.23
C GLU B 109 -13.95 1.38 10.40
N ALA B 110 -14.78 2.37 10.03
CA ALA B 110 -14.35 3.74 9.90
C ALA B 110 -13.72 4.27 11.17
N SER B 111 -14.04 3.70 12.33
CA SER B 111 -13.56 4.30 13.59
C SER B 111 -12.60 3.40 14.36
N ALA B 112 -12.04 2.35 13.73
CA ALA B 112 -11.01 1.54 14.37
C ALA B 112 -9.85 2.42 14.85
N SER B 113 -9.17 1.99 15.92
CA SER B 113 -8.02 2.73 16.41
C SER B 113 -6.80 1.82 16.50
N PHE B 114 -5.62 2.43 16.38
CA PHE B 114 -4.37 1.71 16.25
C PHE B 114 -3.30 2.36 17.11
N GLN B 115 -3.18 1.89 18.38
CA GLN B 115 -2.25 2.41 19.38
C GLN B 115 -0.89 2.74 18.73
N PRO B 116 -0.33 3.95 18.92
CA PRO B 116 0.82 4.41 18.12
C PRO B 116 2.22 3.94 18.51
N ASN B 117 2.37 2.71 19.02
CA ASN B 117 3.66 2.02 18.98
C ASN B 117 3.47 0.61 18.40
N LEU B 118 2.45 0.49 17.54
CA LEU B 118 1.96 -0.78 17.03
C LEU B 118 2.86 -1.26 15.89
N THR B 119 3.04 -2.57 15.80
CA THR B 119 3.91 -3.15 14.80
C THR B 119 3.06 -3.48 13.56
N VAL B 120 3.55 -3.01 12.41
CA VAL B 120 2.81 -3.05 11.15
C VAL B 120 3.79 -3.44 10.05
N HIS B 121 3.23 -3.91 8.95
CA HIS B 121 4.03 -4.48 7.89
C HIS B 121 3.79 -3.67 6.63
N ILE B 122 4.77 -3.73 5.75
CA ILE B 122 4.76 -2.84 4.61
C ILE B 122 5.51 -3.58 3.52
N THR B 123 4.96 -3.55 2.31
CA THR B 123 5.40 -4.43 1.25
C THR B 123 5.18 -3.74 -0.09
N GLY B 124 5.96 -4.19 -1.08
CA GLY B 124 5.99 -3.53 -2.38
C GLY B 124 7.19 -3.95 -3.21
N PHE B 125 7.09 -3.71 -4.52
CA PHE B 125 8.16 -4.02 -5.44
C PHE B 125 8.93 -2.74 -5.79
N GLY B 126 8.89 -1.74 -4.88
CA GLY B 126 9.59 -0.50 -5.12
C GLY B 126 11.10 -0.64 -4.87
N ALA B 127 11.75 0.51 -4.72
CA ALA B 127 13.20 0.61 -4.74
C ALA B 127 13.73 0.19 -3.39
N LEU B 128 15.02 -0.22 -3.36
CA LEU B 128 15.68 -0.63 -2.13
C LEU B 128 16.37 0.53 -1.45
N TYR B 129 16.68 1.59 -2.21
CA TYR B 129 17.15 2.84 -1.64
C TYR B 129 16.60 3.96 -2.51
N TYR B 130 16.72 5.20 -2.03
CA TYR B 130 16.25 6.36 -2.78
C TYR B 130 17.05 6.45 -4.09
N GLY B 131 16.32 6.65 -5.19
CA GLY B 131 16.91 6.67 -6.52
C GLY B 131 17.28 5.30 -7.09
N GLY B 132 16.94 4.21 -6.40
CA GLY B 132 17.21 2.86 -6.90
C GLY B 132 16.07 2.42 -7.82
N GLU B 133 16.23 1.24 -8.43
CA GLU B 133 15.26 0.68 -9.36
C GLU B 133 14.31 -0.26 -8.62
N SER B 134 13.12 -0.44 -9.20
CA SER B 134 12.14 -1.42 -8.77
C SER B 134 12.69 -2.84 -8.89
N GLN B 135 12.20 -3.70 -8.01
CA GLN B 135 12.57 -5.10 -8.03
C GLN B 135 11.45 -5.87 -8.69
N ASN B 136 11.77 -7.03 -9.25
CA ASN B 136 10.75 -7.92 -9.78
C ASN B 136 10.19 -8.77 -8.63
N ASP B 137 10.88 -8.81 -7.47
CA ASP B 137 10.49 -9.65 -6.35
C ASP B 137 9.94 -8.78 -5.21
N LEU B 138 8.76 -9.13 -4.69
CA LEU B 138 8.09 -8.42 -3.60
C LEU B 138 8.91 -8.47 -2.31
N ARG B 139 8.93 -7.34 -1.60
CA ARG B 139 9.70 -7.19 -0.39
C ARG B 139 8.82 -6.66 0.74
N GLU B 140 9.24 -6.94 1.96
CA GLU B 140 8.45 -6.60 3.14
C GLU B 140 9.35 -5.86 4.12
N ALA B 141 8.72 -5.25 5.12
CA ALA B 141 9.42 -4.60 6.21
C ALA B 141 8.43 -4.39 7.35
N ARG B 142 8.93 -4.58 8.58
CA ARG B 142 8.20 -4.33 9.80
C ARG B 142 8.56 -2.93 10.26
N VAL B 143 7.58 -2.02 10.32
CA VAL B 143 7.81 -0.69 10.88
C VAL B 143 6.85 -0.49 12.05
N LYS B 144 6.82 0.73 12.60
CA LYS B 144 5.88 1.06 13.66
C LYS B 144 5.12 2.34 13.36
N ILE B 145 3.84 2.39 13.76
CA ILE B 145 3.05 3.62 13.68
C ILE B 145 3.76 4.70 14.49
N ILE B 146 3.56 5.97 14.12
CA ILE B 146 4.20 7.06 14.80
C ILE B 146 3.18 8.16 15.09
N SER B 147 3.28 8.67 16.32
CA SER B 147 2.41 9.72 16.82
C SER B 147 2.41 10.89 15.84
N ASP B 148 1.21 11.44 15.64
CA ASP B 148 1.03 12.66 14.87
C ASP B 148 1.82 13.79 15.52
N ASP B 149 1.83 13.85 16.86
CA ASP B 149 2.59 14.85 17.61
C ASP B 149 4.08 14.75 17.25
N VAL B 150 4.68 13.55 17.37
CA VAL B 150 6.07 13.36 17.00
C VAL B 150 6.27 13.87 15.58
N CYS B 151 5.42 13.35 14.71
CA CYS B 151 5.53 13.50 13.28
C CYS B 151 5.49 14.98 12.90
N LYS B 152 4.70 15.78 13.65
CA LYS B 152 4.36 17.14 13.29
C LYS B 152 5.37 18.14 13.86
N GLN B 153 6.42 17.62 14.50
CA GLN B 153 7.64 18.38 14.76
C GLN B 153 8.05 19.10 13.47
N PRO B 154 8.59 20.34 13.58
CA PRO B 154 9.11 21.06 12.41
C PRO B 154 10.39 20.40 11.90
N GLN B 155 11.11 19.73 12.80
CA GLN B 155 12.29 18.97 12.46
C GLN B 155 11.94 17.77 11.58
N VAL B 156 10.69 17.28 11.67
CA VAL B 156 10.28 16.05 10.98
C VAL B 156 9.53 16.42 9.70
N TYR B 157 8.26 16.84 9.81
CA TYR B 157 7.43 17.07 8.64
C TYR B 157 6.50 18.25 8.87
N GLY B 158 6.13 18.52 10.13
CA GLY B 158 5.48 19.78 10.48
C GLY B 158 4.01 19.86 10.04
N ASN B 159 3.70 20.87 9.22
CA ASN B 159 2.33 21.19 8.82
C ASN B 159 1.94 20.50 7.53
N ASP B 160 2.83 19.65 7.01
CA ASP B 160 2.58 18.93 5.78
C ASP B 160 1.73 17.70 6.08
N ILE B 161 1.66 17.32 7.35
CA ILE B 161 0.83 16.20 7.76
C ILE B 161 -0.60 16.72 7.96
N LYS B 162 -1.49 16.36 7.03
CA LYS B 162 -2.85 16.84 7.03
C LYS B 162 -3.78 15.69 7.44
N PRO B 163 -5.07 16.00 7.71
CA PRO B 163 -6.04 14.96 8.04
C PRO B 163 -6.03 13.86 6.99
N GLY B 164 -6.10 12.62 7.43
CA GLY B 164 -6.15 11.50 6.52
C GLY B 164 -4.75 10.98 6.22
N MET B 165 -3.75 11.59 6.87
CA MET B 165 -2.37 11.11 6.79
C MET B 165 -1.87 10.66 8.15
N PHE B 166 -1.01 9.62 8.16
CA PHE B 166 -0.27 9.23 9.35
C PHE B 166 1.10 8.70 8.98
N CYS B 167 1.99 8.59 9.98
CA CYS B 167 3.38 8.23 9.74
C CYS B 167 3.67 6.83 10.23
N ALA B 168 4.64 6.20 9.61
CA ALA B 168 5.05 4.90 10.08
C ALA B 168 6.47 4.63 9.58
N GLY B 169 7.26 3.97 10.43
CA GLY B 169 8.65 3.70 10.09
C GLY B 169 9.50 3.45 11.31
N TYR B 170 10.62 4.18 11.39
CA TYR B 170 11.40 4.32 12.61
C TYR B 170 12.07 5.69 12.56
N MET B 171 12.18 6.34 13.72
CA MET B 171 12.81 7.65 13.80
C MET B 171 14.28 7.50 13.48
N GLU B 172 14.77 6.26 13.60
CA GLU B 172 16.14 5.91 13.29
C GLU B 172 16.26 5.48 11.82
N GLY B 173 15.13 5.37 11.12
CA GLY B 173 15.15 5.14 9.68
C GLY B 173 15.45 3.69 9.33
N ILE B 174 16.12 3.48 8.20
CA ILE B 174 16.53 2.17 7.73
C ILE B 174 15.35 1.50 7.03
N TYR B 175 14.27 1.22 7.77
CA TYR B 175 13.15 0.50 7.19
C TYR B 175 12.07 1.52 6.84
N ASP B 176 11.58 1.44 5.60
CA ASP B 176 10.73 2.48 5.06
C ASP B 176 10.19 1.99 3.72
N ALA B 177 9.18 2.69 3.21
CA ALA B 177 8.77 2.54 1.83
C ALA B 177 9.63 3.46 0.95
N CYS B 178 9.70 3.14 -0.35
CA CYS B 178 10.46 3.92 -1.32
C CYS B 178 9.66 4.09 -2.60
N ARG B 179 10.24 4.71 -3.63
CA ARG B 179 9.56 4.84 -4.92
C ARG B 179 9.26 3.46 -5.54
N GLY B 180 8.00 3.29 -5.98
CA GLY B 180 7.48 2.07 -6.57
C GLY B 180 6.54 1.31 -5.64
N ASP B 181 6.42 1.83 -4.38
CA ASP B 181 5.66 1.23 -3.29
C ASP B 181 4.34 1.95 -3.07
N ALA B 182 4.17 3.14 -3.63
CA ALA B 182 2.96 3.92 -3.41
C ALA B 182 1.70 3.15 -3.81
N GLY B 183 0.63 3.36 -3.06
CA GLY B 183 -0.62 2.68 -3.34
C GLY B 183 -0.65 1.25 -2.79
N GLY B 184 0.52 0.77 -2.34
CA GLY B 184 0.64 -0.55 -1.76
C GLY B 184 0.34 -0.52 -0.25
N PRO B 185 0.22 -1.70 0.39
CA PRO B 185 -0.37 -1.85 1.71
C PRO B 185 0.55 -1.62 2.90
N LEU B 186 -0.06 -1.06 3.96
CA LEU B 186 0.47 -1.11 5.30
C LEU B 186 -0.58 -1.86 6.13
N VAL B 187 -0.20 -2.99 6.75
CA VAL B 187 -1.18 -3.88 7.36
C VAL B 187 -0.83 -4.23 8.80
N THR B 188 -1.84 -4.71 9.57
CA THR B 188 -1.72 -5.37 10.87
C THR B 188 -2.63 -6.58 10.91
N ARG B 189 -2.34 -7.48 11.87
CA ARG B 189 -3.12 -8.68 12.11
C ARG B 189 -3.74 -8.59 13.50
N ASP B 190 -5.08 -8.70 13.58
CA ASP B 190 -5.77 -8.77 14.86
C ASP B 190 -5.48 -10.12 15.52
N LEU B 191 -5.88 -10.27 16.79
CA LEU B 191 -5.57 -11.48 17.56
C LEU B 191 -6.42 -12.66 17.10
N LYS B 192 -7.25 -12.49 16.05
CA LYS B 192 -7.98 -13.58 15.42
C LYS B 192 -7.34 -13.92 14.07
N ASP B 193 -6.04 -13.61 13.92
CA ASP B 193 -5.22 -13.95 12.75
C ASP B 193 -5.81 -13.39 11.43
N THR B 194 -6.37 -12.19 11.48
CA THR B 194 -6.99 -11.55 10.33
C THR B 194 -6.29 -10.23 10.05
N TRP B 195 -5.88 -10.06 8.77
CA TRP B 195 -5.14 -8.90 8.32
C TRP B 195 -6.04 -7.79 7.76
N TYR B 196 -5.63 -6.54 8.02
CA TYR B 196 -6.43 -5.34 7.83
C TYR B 196 -5.61 -4.23 7.16
N LEU B 197 -6.27 -3.45 6.31
CA LEU B 197 -5.56 -2.39 5.59
C LEU B 197 -5.65 -1.11 6.40
N ILE B 198 -4.51 -0.61 6.87
CA ILE B 198 -4.49 0.59 7.70
C ILE B 198 -3.96 1.77 6.90
N GLY B 199 -3.04 1.50 5.98
CA GLY B 199 -2.38 2.56 5.28
C GLY B 199 -2.14 2.24 3.81
N ILE B 200 -1.85 3.30 3.06
CA ILE B 200 -1.54 3.26 1.64
C ILE B 200 -0.27 4.10 1.43
N VAL B 201 0.78 3.46 0.91
CA VAL B 201 2.07 4.15 0.82
C VAL B 201 1.84 5.41 0.01
N SER B 202 2.25 6.57 0.55
CA SER B 202 1.96 7.84 -0.10
C SER B 202 3.26 8.59 -0.42
N TRP B 203 3.91 9.17 0.60
CA TRP B 203 5.07 10.01 0.35
C TRP B 203 6.09 10.01 1.49
N GLY B 204 7.12 10.85 1.36
CA GLY B 204 8.19 10.96 2.33
C GLY B 204 9.46 11.56 1.71
N ASP B 205 10.28 12.18 2.56
CA ASP B 205 11.57 12.73 2.15
C ASP B 205 12.62 11.62 2.16
N ASN B 206 13.21 11.38 0.99
CA ASN B 206 14.17 10.30 0.84
C ASN B 206 13.50 9.02 1.31
N CYS B 207 14.31 8.00 1.61
CA CYS B 207 13.87 6.68 2.06
C CYS B 207 14.83 6.19 3.14
N GLY B 208 14.32 5.97 4.35
CA GLY B 208 15.05 5.28 5.41
C GLY B 208 16.02 6.20 6.16
N GLN B 209 15.71 7.50 6.25
CA GLN B 209 16.58 8.50 6.85
C GLN B 209 16.05 8.93 8.21
N LYS B 210 16.97 9.27 9.12
CA LYS B 210 16.60 9.61 10.47
C LYS B 210 15.61 10.78 10.42
N ASP B 211 14.48 10.62 11.10
CA ASP B 211 13.48 11.66 11.24
C ASP B 211 12.77 11.93 9.91
N LYS B 212 12.73 10.90 9.04
CA LYS B 212 11.98 10.94 7.79
C LYS B 212 11.29 9.59 7.57
N PRO B 213 10.20 9.31 8.32
CA PRO B 213 9.39 8.11 8.11
C PRO B 213 8.46 8.26 6.91
N GLY B 214 7.80 7.17 6.55
CA GLY B 214 6.87 7.20 5.44
C GLY B 214 5.61 7.91 5.89
N VAL B 215 4.90 8.52 4.94
CA VAL B 215 3.56 9.03 5.22
C VAL B 215 2.58 8.13 4.50
N TYR B 216 1.51 7.72 5.18
CA TYR B 216 0.49 6.85 4.62
C TYR B 216 -0.81 7.63 4.53
N THR B 217 -1.66 7.28 3.55
CA THR B 217 -3.06 7.65 3.58
C THR B 217 -3.74 6.77 4.63
N GLN B 218 -4.57 7.40 5.47
CA GLN B 218 -5.25 6.75 6.56
C GLN B 218 -6.58 6.18 6.05
N VAL B 219 -6.63 4.84 5.93
CA VAL B 219 -7.78 4.14 5.38
C VAL B 219 -9.07 4.43 6.13
N THR B 220 -9.03 4.45 7.46
CA THR B 220 -10.21 4.67 8.27
C THR B 220 -10.80 6.03 7.96
N TYR B 221 -9.96 7.02 7.71
CA TYR B 221 -10.45 8.34 7.33
C TYR B 221 -11.13 8.26 5.95
N TYR B 222 -10.68 7.37 5.05
CA TYR B 222 -11.30 7.36 3.72
C TYR B 222 -12.23 6.14 3.61
N ARG B 223 -12.57 5.55 4.75
CA ARG B 223 -13.32 4.32 4.72
C ARG B 223 -14.69 4.50 4.04
N ASN B 224 -15.39 5.61 4.32
CA ASN B 224 -16.70 5.88 3.73
C ASN B 224 -16.55 6.17 2.22
N TRP B 225 -15.49 6.89 1.83
CA TRP B 225 -15.23 7.12 0.42
C TRP B 225 -15.14 5.79 -0.35
N ILE B 226 -14.28 4.90 0.15
CA ILE B 226 -14.09 3.60 -0.48
C ILE B 226 -15.42 2.88 -0.68
N ALA B 227 -16.23 2.80 0.38
CA ALA B 227 -17.56 2.20 0.36
C ALA B 227 -18.46 2.81 -0.73
N SER B 228 -18.50 4.14 -0.83
CA SER B 228 -19.36 4.81 -1.80
C SER B 228 -18.94 4.44 -3.22
N LYS B 229 -17.64 4.16 -3.40
CA LYS B 229 -17.10 3.93 -4.72
C LYS B 229 -17.10 2.45 -5.09
N THR B 230 -17.11 1.54 -4.12
CA THR B 230 -16.92 0.13 -4.43
C THR B 230 -18.09 -0.73 -3.98
N GLY B 231 -18.89 -0.24 -3.03
CA GLY B 231 -19.78 -1.10 -2.27
C GLY B 231 -19.06 -2.09 -1.35
N ILE B 232 -17.75 -1.96 -1.12
CA ILE B 232 -17.08 -2.72 -0.07
C ILE B 232 -16.88 -1.83 1.17
#